data_7W66
#
_entry.id   7W66
#
_cell.length_a   105.845
_cell.length_b   55.628
_cell.length_c   95.881
_cell.angle_alpha   90.000
_cell.angle_beta   90.000
_cell.angle_gamma   90.000
#
_symmetry.space_group_name_H-M   'P 21 21 21'
#
loop_
_entity.id
_entity.type
_entity.pdbx_description
1 polymer PSH1
2 non-polymer 'bis(2-hydroxyethyl) benzene-1,4-dicarboxylate'
3 water water
#
_entity_poly.entity_id   1
_entity_poly.type   'polypeptide(L)'
_entity_poly.pdbx_seq_one_letter_code
;ENPYERGPDPTESSIEAVRGPFAVAQTTVSRLQADGFGGGTIYYPTDTSQGTFGAVAISPGFTAGQESIAWLGPRIASQG
FVVITIDTITRLDQPDSRGRQLQAALDHLRTNSVVRNRIDPNRMAVMGHSMGGGGALSAAANNTSLEAAIPLQGWHTRKN
WSSVRTPTLVVGAQLDTIAPVSSHSEAFYNSLPSDLDKAYMELRGASHFVSNTPDTTTAKYSIAWLKRFVDNDLRYEQFL
CPAPDDFAISEYRATCPF
;
_entity_poly.pdbx_strand_id   A,B
#
loop_
_chem_comp.id
_chem_comp.type
_chem_comp.name
_chem_comp.formula
C8X non-polymer 'bis(2-hydroxyethyl) benzene-1,4-dicarboxylate' 'C12 H14 O6'
#
# COMPACT_ATOMS: atom_id res chain seq x y z
N ASN A 2 -2.22 27.46 5.61
CA ASN A 2 -2.24 26.01 5.77
C ASN A 2 -3.55 25.55 6.41
N PRO A 3 -4.40 24.89 5.63
CA PRO A 3 -5.71 24.45 6.15
C PRO A 3 -5.62 23.48 7.32
N TYR A 4 -4.49 22.81 7.51
CA TYR A 4 -4.42 21.71 8.46
C TYR A 4 -3.91 22.14 9.83
N GLU A 5 -3.46 23.39 9.97
CA GLU A 5 -3.00 23.89 11.26
C GLU A 5 -4.12 23.79 12.29
N ARG A 6 -3.78 23.33 13.49
CA ARG A 6 -4.76 23.20 14.58
C ARG A 6 -4.13 23.70 15.87
N GLY A 7 -4.92 24.41 16.66
CA GLY A 7 -4.46 24.88 17.95
C GLY A 7 -3.56 26.09 17.86
N PRO A 8 -3.29 26.72 19.00
CA PRO A 8 -2.50 27.95 18.99
C PRO A 8 -1.01 27.68 18.75
N ASP A 9 -0.27 28.76 18.55
CA ASP A 9 1.15 28.64 18.24
C ASP A 9 1.88 27.95 19.39
N PRO A 10 2.84 27.07 19.10
CA PRO A 10 3.44 26.25 20.15
C PRO A 10 4.61 26.93 20.85
N THR A 11 4.83 26.48 22.08
CA THR A 11 5.97 26.86 22.90
C THR A 11 6.52 25.60 23.54
N GLU A 12 7.69 25.71 24.15
CA GLU A 12 8.24 24.55 24.86
C GLU A 12 7.24 24.00 25.87
N SER A 13 6.59 24.88 26.62
CA SER A 13 5.62 24.44 27.61
C SER A 13 4.46 23.68 26.96
N SER A 14 4.01 24.12 25.77
CA SER A 14 2.80 23.54 25.20
C SER A 14 3.05 22.14 24.63
N ILE A 15 4.21 21.93 24.00
CA ILE A 15 4.50 20.60 23.47
C ILE A 15 4.97 19.63 24.55
N GLU A 16 5.42 20.14 25.70
CA GLU A 16 5.83 19.29 26.81
C GLU A 16 4.66 18.90 27.69
N ALA A 17 3.51 19.57 27.53
CA ALA A 17 2.37 19.36 28.42
C ALA A 17 1.85 17.94 28.36
N VAL A 18 1.43 17.43 29.52
CA VAL A 18 0.79 16.11 29.57
C VAL A 18 -0.49 16.11 28.75
N ARG A 19 -1.22 17.22 28.74
CA ARG A 19 -2.45 17.32 27.95
C ARG A 19 -2.46 18.66 27.23
N GLY A 20 -2.66 18.60 25.91
CA GLY A 20 -2.61 19.78 25.08
C GLY A 20 -3.90 20.57 25.10
N PRO A 21 -4.07 21.47 24.12
CA PRO A 21 -5.24 22.36 24.12
C PRO A 21 -6.55 21.70 23.72
N PHE A 22 -6.55 20.42 23.34
CA PHE A 22 -7.76 19.75 22.90
C PHE A 22 -8.24 18.78 23.98
N ALA A 23 -9.43 19.04 24.52
CA ALA A 23 -10.12 18.01 25.28
C ALA A 23 -10.29 16.76 24.42
N VAL A 24 -10.17 15.60 25.03
CA VAL A 24 -10.15 14.32 24.30
C VAL A 24 -11.19 13.38 24.90
N ALA A 25 -11.81 12.59 24.04
CA ALA A 25 -12.63 11.45 24.42
C ALA A 25 -11.99 10.17 23.91
N GLN A 26 -12.57 9.04 24.31
CA GLN A 26 -12.07 7.76 23.85
C GLN A 26 -13.22 6.81 23.57
N THR A 27 -12.95 5.87 22.67
CA THR A 27 -13.82 4.74 22.38
C THR A 27 -12.94 3.53 22.20
N THR A 28 -13.45 2.36 22.57
CA THR A 28 -12.65 1.14 22.51
C THR A 28 -13.09 0.29 21.34
N VAL A 29 -12.11 -0.33 20.67
CA VAL A 29 -12.39 -1.26 19.59
C VAL A 29 -12.14 -2.66 20.14
N SER A 30 -13.21 -3.44 20.25
CA SER A 30 -13.07 -4.82 20.71
C SER A 30 -12.28 -5.63 19.70
N ARG A 31 -11.68 -6.73 20.16
CA ARG A 31 -10.99 -7.61 19.24
C ARG A 31 -11.97 -8.20 18.22
N LEU A 32 -13.25 -8.35 18.60
CA LEU A 32 -14.26 -8.79 17.64
C LEU A 32 -14.59 -7.70 16.63
N GLN A 33 -14.48 -6.42 17.01
CA GLN A 33 -14.76 -5.36 16.05
C GLN A 33 -13.55 -5.03 15.19
N ALA A 34 -12.39 -5.60 15.47
CA ALA A 34 -11.15 -5.23 14.81
C ALA A 34 -10.82 -6.23 13.72
N ASP A 35 -10.83 -5.78 12.47
CA ASP A 35 -10.44 -6.62 11.34
C ASP A 35 -8.96 -6.39 11.05
N GLY A 36 -8.15 -7.44 11.29
CA GLY A 36 -6.74 -7.36 10.99
C GLY A 36 -5.88 -6.80 12.10
N PHE A 37 -6.43 -6.61 13.29
CA PHE A 37 -5.65 -6.21 14.46
C PHE A 37 -6.38 -6.65 15.71
N GLY A 38 -5.73 -6.48 16.85
CA GLY A 38 -6.25 -7.02 18.08
C GLY A 38 -7.18 -6.09 18.84
N GLY A 39 -7.68 -5.05 18.18
CA GLY A 39 -8.47 -4.04 18.84
C GLY A 39 -7.59 -2.96 19.43
N GLY A 40 -8.23 -2.05 20.17
CA GLY A 40 -7.49 -0.97 20.79
C GLY A 40 -8.42 0.13 21.26
N THR A 41 -7.81 1.27 21.62
CA THR A 41 -8.52 2.44 22.13
C THR A 41 -8.25 3.63 21.21
N ILE A 42 -9.30 4.29 20.75
CA ILE A 42 -9.17 5.49 19.94
C ILE A 42 -9.35 6.70 20.83
N TYR A 43 -8.38 7.62 20.77
CA TYR A 43 -8.45 8.89 21.46
C TYR A 43 -8.65 9.97 20.41
N TYR A 44 -9.53 10.94 20.69
CA TYR A 44 -9.86 11.90 19.66
C TYR A 44 -10.29 13.21 20.31
N PRO A 45 -10.10 14.33 19.63
CA PRO A 45 -10.57 15.61 20.17
C PRO A 45 -12.05 15.79 19.91
N THR A 46 -12.74 16.34 20.91
CA THR A 46 -14.18 16.62 20.78
C THR A 46 -14.45 17.92 20.05
N ASP A 47 -13.52 18.88 20.12
CA ASP A 47 -13.65 20.14 19.39
C ASP A 47 -13.53 19.87 17.89
N THR A 48 -14.64 19.96 17.18
CA THR A 48 -14.63 19.76 15.73
C THR A 48 -14.69 21.07 14.96
N SER A 49 -14.68 22.21 15.65
CA SER A 49 -14.82 23.50 14.99
C SER A 49 -13.63 23.87 14.13
N GLN A 50 -12.46 23.30 14.39
CA GLN A 50 -11.28 23.57 13.60
C GLN A 50 -11.16 22.66 12.38
N GLY A 51 -12.01 21.65 12.25
CA GLY A 51 -11.94 20.73 11.14
C GLY A 51 -11.47 19.35 11.56
N THR A 52 -11.29 18.50 10.56
CA THR A 52 -10.85 17.13 10.81
C THR A 52 -9.38 17.12 11.18
N PHE A 53 -8.96 16.01 11.80
CA PHE A 53 -7.62 15.83 12.31
C PHE A 53 -6.93 14.69 11.57
N GLY A 54 -5.60 14.76 11.52
CA GLY A 54 -4.82 13.61 11.10
C GLY A 54 -4.95 12.46 12.08
N ALA A 55 -4.66 11.25 11.61
CA ALA A 55 -4.79 10.06 12.42
C ALA A 55 -3.46 9.34 12.56
N VAL A 56 -3.30 8.68 13.70
CA VAL A 56 -2.04 8.07 14.10
C VAL A 56 -2.37 6.72 14.74
N ALA A 57 -1.68 5.67 14.31
CA ALA A 57 -1.78 4.34 14.91
C ALA A 57 -0.46 3.99 15.60
N ILE A 58 -0.55 3.42 16.79
CA ILE A 58 0.62 3.13 17.63
C ILE A 58 0.57 1.69 18.11
N SER A 59 1.68 0.94 17.88
CA SER A 59 1.81 -0.48 18.21
C SER A 59 2.76 -0.71 19.38
N PRO A 60 2.46 -1.64 20.28
CA PRO A 60 3.45 -2.06 21.28
C PRO A 60 4.40 -3.09 20.67
N GLY A 61 5.29 -3.60 21.52
CA GLY A 61 6.31 -4.52 21.08
C GLY A 61 5.99 -5.96 21.45
N PHE A 62 6.97 -6.82 21.17
CA PHE A 62 6.89 -8.26 21.45
C PHE A 62 6.51 -8.50 22.90
N THR A 63 5.49 -9.35 23.10
CA THR A 63 4.92 -9.74 24.38
C THR A 63 4.20 -8.61 25.10
N ALA A 64 4.02 -7.45 24.49
CA ALA A 64 3.50 -6.28 25.18
C ALA A 64 2.05 -6.02 24.81
N GLY A 65 1.30 -5.52 25.79
CA GLY A 65 -0.05 -5.08 25.55
C GLY A 65 -0.14 -3.60 25.22
N GLN A 66 -1.36 -3.19 24.86
CA GLN A 66 -1.63 -1.80 24.54
C GLN A 66 -1.21 -0.87 25.67
N GLU A 67 -1.32 -1.33 26.92
CA GLU A 67 -0.95 -0.49 28.05
C GLU A 67 0.51 -0.04 28.00
N SER A 68 1.39 -0.78 27.31
CA SER A 68 2.79 -0.38 27.30
C SER A 68 3.03 0.89 26.50
N ILE A 69 2.09 1.34 25.66
CA ILE A 69 2.25 2.57 24.89
C ILE A 69 1.04 3.49 25.08
N ALA A 70 0.14 3.11 25.99
CA ALA A 70 -1.15 3.80 26.11
C ALA A 70 -0.99 5.29 26.43
N TRP A 71 0.02 5.64 27.23
CA TRP A 71 0.17 7.02 27.63
C TRP A 71 0.31 7.97 26.43
N LEU A 72 0.85 7.48 25.31
CA LEU A 72 0.98 8.34 24.14
C LEU A 72 -0.37 8.74 23.55
N GLY A 73 -1.39 7.89 23.69
CA GLY A 73 -2.66 8.08 23.03
C GLY A 73 -3.31 9.42 23.32
N PRO A 74 -3.66 9.67 24.58
CA PRO A 74 -4.32 10.95 24.91
C PRO A 74 -3.35 12.12 24.94
N ARG A 75 -2.08 11.88 25.22
CA ARG A 75 -1.11 12.96 25.24
C ARG A 75 -0.90 13.53 23.83
N ILE A 76 -0.86 12.67 22.82
CA ILE A 76 -0.75 13.14 21.44
C ILE A 76 -2.08 13.63 20.92
N ALA A 77 -3.14 12.86 21.15
CA ALA A 77 -4.47 13.28 20.69
C ALA A 77 -4.84 14.67 21.18
N SER A 78 -4.49 14.99 22.42
CA SER A 78 -4.83 16.30 22.97
C SER A 78 -4.05 17.44 22.33
N GLN A 79 -3.16 17.15 21.39
CA GLN A 79 -2.53 18.18 20.57
C GLN A 79 -3.24 18.34 19.23
N GLY A 80 -4.26 17.53 18.95
CA GLY A 80 -5.02 17.63 17.72
C GLY A 80 -4.82 16.46 16.76
N PHE A 81 -5.00 15.24 17.25
CA PHE A 81 -4.92 14.05 16.40
C PHE A 81 -5.91 13.02 16.91
N VAL A 82 -6.34 12.15 16.01
CA VAL A 82 -7.05 10.94 16.38
C VAL A 82 -6.04 9.81 16.49
N VAL A 83 -5.92 9.23 17.67
CA VAL A 83 -4.84 8.30 17.97
C VAL A 83 -5.46 6.99 18.43
N ILE A 84 -5.10 5.89 17.76
CA ILE A 84 -5.52 4.57 18.19
C ILE A 84 -4.29 3.84 18.70
N THR A 85 -4.35 3.39 19.95
CA THR A 85 -3.32 2.52 20.52
C THR A 85 -3.81 1.08 20.38
N ILE A 86 -3.12 0.28 19.59
CA ILE A 86 -3.63 -1.02 19.20
C ILE A 86 -3.04 -2.11 20.08
N ASP A 87 -3.83 -3.18 20.25
CA ASP A 87 -3.30 -4.48 20.60
C ASP A 87 -3.06 -5.25 19.31
N THR A 88 -2.13 -6.18 19.35
CA THR A 88 -1.89 -7.02 18.18
C THR A 88 -2.72 -8.29 18.28
N ILE A 89 -2.87 -8.99 17.15
CA ILE A 89 -3.68 -10.21 17.15
C ILE A 89 -3.16 -11.19 18.18
N THR A 90 -1.85 -11.42 18.19
CA THR A 90 -1.20 -12.08 19.30
C THR A 90 -0.04 -11.22 19.76
N ARG A 91 0.37 -11.44 21.01
CA ARG A 91 1.48 -10.70 21.55
C ARG A 91 2.81 -11.15 20.99
N LEU A 92 2.85 -12.31 20.31
CA LEU A 92 4.06 -12.86 19.72
C LEU A 92 4.24 -12.46 18.26
N ASP A 93 3.36 -11.63 17.72
CA ASP A 93 3.45 -11.26 16.31
C ASP A 93 4.76 -10.54 16.03
N GLN A 94 5.28 -10.74 14.82
CA GLN A 94 6.59 -10.22 14.45
C GLN A 94 6.45 -8.86 13.77
N PRO A 95 7.57 -8.15 13.54
CA PRO A 95 7.46 -6.77 13.01
C PRO A 95 6.64 -6.65 11.73
N ASP A 96 6.88 -7.50 10.73
CA ASP A 96 6.15 -7.38 9.47
C ASP A 96 4.64 -7.51 9.69
N SER A 97 4.24 -8.45 10.54
CA SER A 97 2.82 -8.59 10.87
C SER A 97 2.30 -7.36 11.62
N ARG A 98 3.09 -6.85 12.57
CA ARG A 98 2.69 -5.63 13.27
C ARG A 98 2.47 -4.48 12.28
N GLY A 99 3.28 -4.42 11.22
CA GLY A 99 3.10 -3.40 10.21
C GLY A 99 1.80 -3.56 9.44
N ARG A 100 1.44 -4.80 9.11
CA ARG A 100 0.11 -5.02 8.53
C ARG A 100 -0.97 -4.53 9.48
N GLN A 101 -0.80 -4.81 10.78
CA GLN A 101 -1.86 -4.52 11.73
C GLN A 101 -1.99 -3.03 11.97
N LEU A 102 -0.86 -2.31 11.97
CA LEU A 102 -0.91 -0.86 12.08
C LEU A 102 -1.67 -0.26 10.92
N GLN A 103 -1.45 -0.78 9.71
CA GLN A 103 -2.19 -0.31 8.55
C GLN A 103 -3.66 -0.69 8.63
N ALA A 104 -3.96 -1.89 9.10
CA ALA A 104 -5.36 -2.29 9.23
C ALA A 104 -6.07 -1.44 10.28
N ALA A 105 -5.37 -1.05 11.34
CA ALA A 105 -5.95 -0.19 12.36
C ALA A 105 -6.31 1.18 11.78
N LEU A 106 -5.42 1.74 10.96
CA LEU A 106 -5.70 3.00 10.29
C LEU A 106 -6.91 2.88 9.37
N ASP A 107 -6.96 1.79 8.61
CA ASP A 107 -8.10 1.57 7.68
C ASP A 107 -9.40 1.52 8.50
N HIS A 108 -9.38 0.81 9.63
CA HIS A 108 -10.55 0.75 10.49
C HIS A 108 -11.05 2.14 10.87
N LEU A 109 -10.13 3.08 11.05
CA LEU A 109 -10.52 4.44 11.38
C LEU A 109 -11.41 5.05 10.30
N ARG A 110 -11.24 4.65 9.04
CA ARG A 110 -12.02 5.28 7.96
C ARG A 110 -13.50 4.97 8.10
N THR A 111 -13.84 3.82 8.67
CA THR A 111 -15.23 3.39 8.78
C THR A 111 -15.72 3.29 10.22
N ASN A 112 -14.85 3.57 11.19
CA ASN A 112 -15.27 3.61 12.59
C ASN A 112 -16.38 4.65 12.78
N SER A 113 -17.52 4.22 13.32
CA SER A 113 -18.67 5.10 13.41
C SER A 113 -18.42 6.27 14.37
N VAL A 114 -17.50 6.09 15.34
CA VAL A 114 -17.26 7.16 16.29
C VAL A 114 -16.42 8.28 15.69
N VAL A 115 -15.44 7.95 14.86
CA VAL A 115 -14.43 8.93 14.47
C VAL A 115 -14.35 9.17 12.97
N ARG A 116 -15.11 8.42 12.15
CA ARG A 116 -14.92 8.55 10.70
C ARG A 116 -15.21 9.96 10.20
N ASN A 117 -16.02 10.74 10.91
CA ASN A 117 -16.22 12.14 10.54
C ASN A 117 -15.15 13.06 11.11
N ARG A 118 -14.29 12.54 11.98
CA ARG A 118 -13.31 13.35 12.69
C ARG A 118 -11.95 13.34 12.03
N ILE A 119 -11.72 12.41 11.13
CA ILE A 119 -10.41 12.13 10.55
C ILE A 119 -10.34 12.71 9.15
N ASP A 120 -9.17 13.23 8.80
CA ASP A 120 -8.81 13.43 7.41
C ASP A 120 -8.14 12.16 6.91
N PRO A 121 -8.86 11.32 6.15
CA PRO A 121 -8.31 10.02 5.77
C PRO A 121 -7.07 10.09 4.90
N ASN A 122 -6.71 11.26 4.39
CA ASN A 122 -5.53 11.41 3.56
C ASN A 122 -4.27 11.79 4.36
N ARG A 123 -4.37 11.88 5.68
CA ARG A 123 -3.27 12.37 6.53
C ARG A 123 -3.11 11.42 7.71
N MET A 124 -2.25 10.43 7.58
CA MET A 124 -2.16 9.34 8.54
C MET A 124 -0.70 9.07 8.87
N ALA A 125 -0.46 8.53 10.06
CA ALA A 125 0.90 8.30 10.55
C ALA A 125 0.95 7.04 11.40
N VAL A 126 2.16 6.48 11.52
CA VAL A 126 2.36 5.26 12.28
C VAL A 126 3.48 5.47 13.30
N MET A 127 3.34 4.81 14.45
CA MET A 127 4.30 4.81 15.53
C MET A 127 4.34 3.42 16.15
N GLY A 128 5.43 3.11 16.85
CA GLY A 128 5.46 1.86 17.59
C GLY A 128 6.71 1.80 18.44
N HIS A 129 6.70 0.87 19.39
CA HIS A 129 7.84 0.62 20.27
C HIS A 129 8.44 -0.75 19.97
N SER A 130 9.76 -0.78 19.77
CA SER A 130 10.51 -2.04 19.60
C SER A 130 9.98 -2.76 18.37
N MET A 131 9.53 -4.01 18.47
CA MET A 131 8.99 -4.68 17.30
C MET A 131 7.81 -3.92 16.71
N GLY A 132 7.12 -3.12 17.54
CA GLY A 132 6.10 -2.22 17.03
C GLY A 132 6.67 -1.07 16.26
N GLY A 133 7.85 -0.58 16.66
CA GLY A 133 8.57 0.39 15.85
C GLY A 133 9.06 -0.20 14.53
N GLY A 134 9.43 -1.48 14.54
CA GLY A 134 9.71 -2.14 13.28
C GLY A 134 8.49 -2.23 12.40
N GLY A 135 7.33 -2.55 13.00
CA GLY A 135 6.09 -2.55 12.26
C GLY A 135 5.78 -1.19 11.66
N ALA A 136 6.08 -0.11 12.39
CA ALA A 136 5.87 1.22 11.85
C ALA A 136 6.71 1.46 10.61
N LEU A 137 7.98 1.06 10.65
CA LEU A 137 8.83 1.17 9.47
C LEU A 137 8.30 0.29 8.34
N SER A 138 7.90 -0.95 8.65
CA SER A 138 7.29 -1.80 7.63
C SER A 138 6.04 -1.17 7.06
N ALA A 139 5.22 -0.54 7.92
CA ALA A 139 3.98 0.07 7.44
C ALA A 139 4.28 1.25 6.51
N ALA A 140 5.31 2.05 6.83
CA ALA A 140 5.66 3.15 5.93
C ALA A 140 6.24 2.60 4.63
N ALA A 141 7.07 1.56 4.73
CA ALA A 141 7.65 0.96 3.54
C ALA A 141 6.58 0.35 2.63
N ASN A 142 5.41 0.01 3.19
CA ASN A 142 4.31 -0.59 2.42
C ASN A 142 3.31 0.42 1.91
N ASN A 143 3.47 1.69 2.26
CA ASN A 143 2.43 2.69 1.99
C ASN A 143 3.10 4.07 1.95
N THR A 144 3.47 4.49 0.74
CA THR A 144 4.15 5.77 0.59
C THR A 144 3.24 6.97 0.80
N SER A 145 1.92 6.77 0.99
CA SER A 145 1.04 7.91 1.27
C SER A 145 0.99 8.25 2.74
N LEU A 146 1.56 7.41 3.61
CA LEU A 146 1.65 7.72 5.03
C LEU A 146 2.46 8.99 5.24
N GLU A 147 1.96 9.87 6.11
CA GLU A 147 2.58 11.19 6.27
C GLU A 147 3.78 11.16 7.20
N ALA A 148 3.79 10.25 8.17
CA ALA A 148 4.87 10.25 9.16
C ALA A 148 4.96 8.87 9.79
N ALA A 149 6.19 8.49 10.15
CA ALA A 149 6.47 7.25 10.86
C ALA A 149 7.44 7.54 11.99
N ILE A 150 7.21 6.93 13.15
CA ILE A 150 8.07 7.15 14.31
C ILE A 150 8.35 5.83 15.01
N PRO A 151 9.45 5.15 14.69
CA PRO A 151 9.88 3.97 15.49
C PRO A 151 10.54 4.41 16.78
N LEU A 152 9.99 3.94 17.91
CA LEU A 152 10.57 4.20 19.21
C LEU A 152 11.37 2.97 19.66
N GLN A 153 12.69 3.14 19.78
CA GLN A 153 13.59 2.01 20.08
C GLN A 153 13.25 0.82 19.22
N GLY A 154 13.12 1.08 17.91
CA GLY A 154 12.60 0.06 17.01
C GLY A 154 13.50 -1.17 16.94
N TRP A 155 12.85 -2.32 16.71
CA TRP A 155 13.50 -3.60 16.51
C TRP A 155 12.98 -4.20 15.20
N HIS A 156 13.88 -4.70 14.37
CA HIS A 156 13.49 -5.34 13.12
C HIS A 156 14.66 -6.15 12.58
N THR A 157 14.34 -7.29 11.99
CA THR A 157 15.33 -8.05 11.23
C THR A 157 15.71 -7.35 9.94
N ARG A 158 14.80 -6.56 9.37
CA ARG A 158 15.08 -5.80 8.16
C ARG A 158 15.79 -4.51 8.53
N LYS A 159 17.00 -4.30 7.98
CA LYS A 159 17.81 -3.13 8.30
C LYS A 159 17.86 -2.10 7.19
N ASN A 160 17.46 -2.46 5.96
CA ASN A 160 17.50 -1.54 4.83
C ASN A 160 16.12 -0.95 4.60
N TRP A 161 16.00 0.37 4.74
CA TRP A 161 14.73 1.07 4.59
C TRP A 161 14.76 2.09 3.47
N SER A 162 15.51 1.78 2.41
CA SER A 162 15.64 2.67 1.25
C SER A 162 14.33 2.85 0.50
N SER A 163 13.33 2.03 0.77
CA SER A 163 12.04 2.12 0.09
C SER A 163 11.06 3.06 0.78
N VAL A 164 11.40 3.59 1.97
CA VAL A 164 10.48 4.47 2.69
C VAL A 164 10.48 5.85 2.05
N ARG A 165 9.28 6.40 1.85
CA ARG A 165 9.13 7.76 1.33
C ARG A 165 8.40 8.66 2.32
N THR A 166 8.21 8.20 3.51
CA THR A 166 7.46 8.86 4.58
C THR A 166 8.43 9.49 5.57
N PRO A 167 8.28 10.78 5.91
CA PRO A 167 9.14 11.41 6.93
C PRO A 167 9.18 10.65 8.24
N THR A 168 10.38 10.19 8.61
CA THR A 168 10.57 9.25 9.70
C THR A 168 11.50 9.84 10.75
N LEU A 169 11.04 9.82 11.99
CA LEU A 169 11.83 10.18 13.16
C LEU A 169 12.19 8.88 13.86
N VAL A 170 13.48 8.56 13.90
CA VAL A 170 13.98 7.37 14.57
C VAL A 170 14.44 7.77 15.95
N VAL A 171 13.85 7.17 16.97
CA VAL A 171 14.13 7.53 18.35
C VAL A 171 14.86 6.38 19.01
N GLY A 172 16.15 6.56 19.23
CA GLY A 172 16.94 5.54 19.89
C GLY A 172 17.08 5.81 21.37
N ALA A 173 17.37 4.74 22.12
CA ALA A 173 17.74 4.84 23.52
C ALA A 173 19.22 4.50 23.65
N GLN A 174 19.98 5.41 24.26
CA GLN A 174 21.44 5.30 24.22
C GLN A 174 21.91 3.96 24.77
N LEU A 175 21.39 3.57 25.94
CA LEU A 175 21.82 2.35 26.62
C LEU A 175 20.91 1.16 26.34
N ASP A 176 20.24 1.15 25.18
CA ASP A 176 19.35 0.05 24.81
C ASP A 176 20.13 -1.25 24.58
N THR A 177 19.84 -2.29 25.36
CA THR A 177 20.41 -3.62 25.12
C THR A 177 19.45 -4.57 24.42
N ILE A 178 18.15 -4.31 24.45
CA ILE A 178 17.19 -5.12 23.68
C ILE A 178 17.38 -4.87 22.20
N ALA A 179 17.27 -3.60 21.80
CA ALA A 179 17.38 -3.18 20.41
C ALA A 179 18.50 -2.14 20.31
N PRO A 180 19.76 -2.58 20.37
CA PRO A 180 20.88 -1.62 20.43
C PRO A 180 20.87 -0.68 19.23
N VAL A 181 21.16 0.58 19.48
CA VAL A 181 20.98 1.59 18.43
C VAL A 181 21.92 1.34 17.27
N SER A 182 23.08 0.71 17.52
CA SER A 182 24.03 0.49 16.44
C SER A 182 23.51 -0.54 15.43
N SER A 183 22.79 -1.56 15.88
CA SER A 183 22.30 -2.61 14.98
C SER A 183 20.85 -2.40 14.57
N HIS A 184 20.16 -1.42 15.14
CA HIS A 184 18.75 -1.21 14.83
C HIS A 184 18.52 0.25 14.44
N SER A 185 18.20 1.10 15.43
CA SER A 185 17.78 2.48 15.16
C SER A 185 18.73 3.19 14.20
N GLU A 186 20.02 3.24 14.53
CA GLU A 186 20.95 4.00 13.69
C GLU A 186 21.11 3.35 12.31
N ALA A 187 21.04 2.03 12.26
CA ALA A 187 21.06 1.33 10.98
C ALA A 187 19.86 1.70 10.13
N PHE A 188 18.68 1.79 10.75
CA PHE A 188 17.49 2.21 10.02
C PHE A 188 17.66 3.61 9.47
N TYR A 189 18.07 4.55 10.33
CA TYR A 189 18.25 5.93 9.88
C TYR A 189 19.23 6.01 8.72
N ASN A 190 20.32 5.25 8.79
CA ASN A 190 21.34 5.29 7.75
C ASN A 190 20.85 4.74 6.42
N SER A 191 19.87 3.85 6.42
CA SER A 191 19.40 3.26 5.18
C SER A 191 18.21 4.01 4.58
N LEU A 192 17.56 4.89 5.35
CA LEU A 192 16.53 5.73 4.75
C LEU A 192 17.19 6.60 3.67
N PRO A 193 16.45 6.95 2.62
CA PRO A 193 17.02 7.79 1.56
C PRO A 193 17.62 9.08 2.10
N SER A 194 18.72 9.51 1.48
CA SER A 194 19.38 10.72 1.93
C SER A 194 18.54 11.97 1.64
N ASP A 195 17.67 11.91 0.62
CA ASP A 195 16.73 12.98 0.28
C ASP A 195 15.50 13.01 1.17
N LEU A 196 15.25 11.97 1.96
CA LEU A 196 14.06 11.93 2.79
C LEU A 196 14.18 12.93 3.93
N ASP A 197 13.07 13.63 4.23
CA ASP A 197 12.99 14.38 5.48
C ASP A 197 13.01 13.38 6.61
N LYS A 198 14.05 13.40 7.43
CA LYS A 198 14.22 12.37 8.43
C LYS A 198 15.03 12.92 9.59
N ALA A 199 14.98 12.22 10.71
CA ALA A 199 15.72 12.63 11.87
C ALA A 199 15.98 11.43 12.76
N TYR A 200 17.16 11.42 13.37
CA TYR A 200 17.53 10.43 14.37
C TYR A 200 17.77 11.16 15.67
N MET A 201 17.16 10.67 16.75
CA MET A 201 17.29 11.29 18.06
C MET A 201 17.57 10.21 19.09
N GLU A 202 18.72 10.31 19.74
CA GLU A 202 19.10 9.32 20.74
C GLU A 202 18.90 9.90 22.13
N LEU A 203 18.20 9.15 22.97
CA LEU A 203 17.81 9.60 24.31
C LEU A 203 18.92 9.26 25.30
N ARG A 204 19.52 10.29 25.90
CA ARG A 204 20.68 10.10 26.77
C ARG A 204 20.34 9.22 27.96
N GLY A 205 21.17 8.20 28.18
CA GLY A 205 21.08 7.34 29.36
C GLY A 205 19.80 6.54 29.46
N ALA A 206 19.07 6.39 28.36
CA ALA A 206 17.77 5.74 28.38
C ALA A 206 17.91 4.23 28.14
N SER A 207 17.08 3.46 28.83
CA SER A 207 16.97 2.03 28.59
C SER A 207 16.01 1.77 27.45
N HIS A 208 15.90 0.49 27.07
CA HIS A 208 14.97 0.11 26.01
C HIS A 208 13.54 0.55 26.33
N PHE A 209 13.18 0.64 27.60
CA PHE A 209 11.80 0.81 28.04
C PHE A 209 11.45 2.26 28.35
N VAL A 210 12.27 3.22 27.90
CA VAL A 210 11.99 4.64 28.15
C VAL A 210 10.59 5.05 27.69
N SER A 211 10.05 4.42 26.64
CA SER A 211 8.76 4.85 26.12
C SER A 211 7.58 4.01 26.61
N ASN A 212 7.79 3.11 27.57
CA ASN A 212 6.67 2.37 28.18
C ASN A 212 6.11 3.07 29.40
N THR A 213 6.62 4.25 29.71
CA THR A 213 6.28 5.08 30.86
C THR A 213 6.47 6.51 30.41
N PRO A 214 5.66 7.45 30.91
CA PRO A 214 5.70 8.82 30.37
C PRO A 214 7.11 9.39 30.34
N ASP A 215 7.48 9.95 29.19
CA ASP A 215 8.78 10.56 28.96
C ASP A 215 8.57 11.81 28.12
N THR A 216 8.91 12.96 28.68
CA THR A 216 8.56 14.24 28.05
C THR A 216 9.33 14.44 26.74
N THR A 217 10.59 14.03 26.70
CA THR A 217 11.38 14.17 25.47
C THR A 217 10.76 13.40 24.32
N THR A 218 10.38 12.14 24.57
CA THR A 218 9.72 11.34 23.54
C THR A 218 8.44 12.02 23.05
N ALA A 219 7.60 12.46 23.99
CA ALA A 219 6.33 13.07 23.62
C ALA A 219 6.54 14.37 22.85
N LYS A 220 7.44 15.23 23.31
CA LYS A 220 7.53 16.56 22.71
C LYS A 220 7.99 16.47 21.26
N TYR A 221 8.90 15.54 20.95
CA TYR A 221 9.40 15.46 19.59
C TYR A 221 8.53 14.59 18.70
N SER A 222 7.80 13.64 19.27
CA SER A 222 6.74 12.99 18.50
C SER A 222 5.66 13.99 18.10
N ILE A 223 5.24 14.83 19.05
CA ILE A 223 4.22 15.83 18.74
C ILE A 223 4.75 16.80 17.69
N ALA A 224 6.00 17.24 17.82
CA ALA A 224 6.56 18.15 16.83
C ALA A 224 6.69 17.48 15.46
N TRP A 225 7.03 16.20 15.43
CA TRP A 225 7.11 15.49 14.15
C TRP A 225 5.74 15.33 13.52
N LEU A 226 4.76 14.87 14.30
CA LEU A 226 3.41 14.68 13.75
C LEU A 226 2.82 16.00 13.26
N LYS A 227 3.03 17.08 14.03
CA LYS A 227 2.58 18.39 13.59
C LYS A 227 3.24 18.77 12.27
N ARG A 228 4.58 18.62 12.18
CA ARG A 228 5.30 19.07 11.00
C ARG A 228 4.90 18.30 9.75
N PHE A 229 4.58 17.03 9.88
CA PHE A 229 4.42 16.22 8.66
C PHE A 229 3.01 15.71 8.45
N VAL A 230 2.26 15.37 9.50
CA VAL A 230 0.85 15.07 9.30
C VAL A 230 0.07 16.33 8.97
N ASP A 231 0.36 17.44 9.65
CA ASP A 231 -0.37 18.69 9.46
C ASP A 231 0.36 19.67 8.55
N ASN A 232 1.56 19.34 8.08
CA ASN A 232 2.40 20.29 7.33
C ASN A 232 2.54 21.60 8.07
N ASP A 233 2.63 21.52 9.40
CA ASP A 233 2.55 22.67 10.28
C ASP A 233 3.94 23.24 10.51
N LEU A 234 4.27 24.30 9.77
CA LEU A 234 5.60 24.92 9.82
C LEU A 234 5.92 25.55 11.17
N ARG A 235 4.90 25.81 12.00
CA ARG A 235 5.15 26.39 13.31
C ARG A 235 5.95 25.46 14.22
N TYR A 236 5.98 24.17 13.89
CA TYR A 236 6.65 23.17 14.71
C TYR A 236 8.04 22.81 14.19
N GLU A 237 8.45 23.37 13.05
CA GLU A 237 9.81 23.15 12.56
C GLU A 237 10.85 23.63 13.55
N GLN A 238 10.54 24.67 14.33
CA GLN A 238 11.51 25.24 15.26
C GLN A 238 12.03 24.23 16.26
N PHE A 239 11.21 23.26 16.67
CA PHE A 239 11.65 22.27 17.63
C PHE A 239 12.51 21.18 17.00
N LEU A 240 12.62 21.15 15.68
CA LEU A 240 13.36 20.12 14.96
C LEU A 240 14.60 20.66 14.28
N CYS A 241 14.57 21.91 13.81
CA CYS A 241 15.66 22.48 13.02
C CYS A 241 16.01 23.87 13.54
N PRO A 242 17.28 24.13 13.88
CA PRO A 242 18.35 23.12 13.95
C PRO A 242 18.17 22.21 15.16
N ALA A 243 19.17 21.38 15.42
CA ALA A 243 19.11 20.48 16.56
C ALA A 243 18.77 21.24 17.83
N PRO A 244 17.88 20.72 18.67
CA PRO A 244 17.60 21.39 19.94
C PRO A 244 18.70 21.13 20.95
N ASP A 245 19.11 22.19 21.66
CA ASP A 245 20.09 22.03 22.73
C ASP A 245 19.37 21.41 23.93
N ASP A 246 19.18 20.10 23.84
CA ASP A 246 18.38 19.36 24.81
C ASP A 246 19.29 18.31 25.44
N PHE A 247 19.63 18.52 26.71
CA PHE A 247 20.48 17.58 27.44
C PHE A 247 19.92 16.16 27.44
N ALA A 248 18.61 15.99 27.26
CA ALA A 248 18.03 14.65 27.19
C ALA A 248 18.45 13.90 25.93
N ILE A 249 19.07 14.58 24.96
CA ILE A 249 19.40 14.02 23.66
C ILE A 249 20.90 13.73 23.59
N SER A 250 21.24 12.47 23.28
CA SER A 250 22.62 12.02 23.22
C SER A 250 23.25 12.31 21.86
N GLU A 251 22.52 12.01 20.79
CA GLU A 251 22.96 12.25 19.42
C GLU A 251 21.77 12.76 18.62
N TYR A 252 22.05 13.55 17.58
CA TYR A 252 20.96 14.11 16.80
C TYR A 252 21.39 14.25 15.33
N ARG A 253 20.55 13.75 14.45
CA ARG A 253 20.83 13.92 13.02
C ARG A 253 19.50 14.28 12.38
N ALA A 254 19.56 15.18 11.41
CA ALA A 254 18.33 15.63 10.78
C ALA A 254 18.62 16.22 9.40
N THR A 255 17.75 15.93 8.44
CA THR A 255 17.86 16.52 7.10
C THR A 255 17.20 17.88 7.03
N CYS A 256 17.38 18.68 8.07
CA CYS A 256 16.93 20.06 8.10
C CYS A 256 17.54 20.85 6.94
N PRO A 257 16.80 21.82 6.37
CA PRO A 257 15.45 22.21 6.78
C PRO A 257 14.40 21.40 6.03
N PHE A 258 13.27 21.13 6.66
CA PHE A 258 12.25 20.26 6.06
C PHE A 258 11.32 21.03 5.13
N ASN B 2 7.32 -25.44 -6.31
CA ASN B 2 6.14 -24.78 -6.87
C ASN B 2 6.01 -25.19 -8.33
N PRO B 3 5.02 -26.04 -8.62
CA PRO B 3 4.87 -26.58 -9.98
C PRO B 3 4.56 -25.52 -11.03
N TYR B 4 4.04 -24.37 -10.62
CA TYR B 4 3.60 -23.34 -11.56
C TYR B 4 4.71 -22.35 -11.88
N GLU B 5 5.89 -22.51 -11.29
CA GLU B 5 7.02 -21.62 -11.58
C GLU B 5 7.44 -21.78 -13.03
N ARG B 6 7.59 -20.66 -13.73
CA ARG B 6 7.98 -20.68 -15.12
C ARG B 6 9.07 -19.64 -15.34
N GLY B 7 10.03 -19.98 -16.20
CA GLY B 7 11.10 -19.07 -16.52
C GLY B 7 12.20 -19.00 -15.47
N PRO B 8 13.31 -18.36 -15.83
CA PRO B 8 14.43 -18.22 -14.90
C PRO B 8 14.18 -17.18 -13.82
N ASP B 9 15.02 -17.22 -12.78
CA ASP B 9 14.94 -16.26 -11.69
C ASP B 9 14.95 -14.83 -12.23
N PRO B 10 14.13 -13.94 -11.70
CA PRO B 10 13.89 -12.65 -12.33
C PRO B 10 14.78 -11.53 -11.81
N THR B 11 14.97 -10.53 -12.66
CA THR B 11 15.69 -9.33 -12.32
C THR B 11 14.83 -8.14 -12.73
N GLU B 12 15.22 -6.95 -12.27
CA GLU B 12 14.54 -5.75 -12.73
C GLU B 12 14.57 -5.67 -14.25
N SER B 13 15.66 -6.17 -14.85
CA SER B 13 15.77 -6.14 -16.30
C SER B 13 14.77 -7.09 -16.95
N SER B 14 14.55 -8.27 -16.36
CA SER B 14 13.73 -9.26 -17.03
C SER B 14 12.26 -8.86 -17.02
N ILE B 15 11.80 -8.19 -15.95
CA ILE B 15 10.41 -7.73 -15.90
C ILE B 15 10.20 -6.42 -16.65
N GLU B 16 11.27 -5.71 -16.99
CA GLU B 16 11.17 -4.50 -17.80
C GLU B 16 11.23 -4.78 -19.29
N ALA B 17 11.68 -5.98 -19.69
CA ALA B 17 11.91 -6.28 -21.08
C ALA B 17 10.63 -6.17 -21.90
N VAL B 18 10.75 -5.68 -23.13
CA VAL B 18 9.59 -5.66 -24.02
C VAL B 18 9.19 -7.08 -24.39
N ARG B 19 10.14 -8.02 -24.36
CA ARG B 19 9.87 -9.43 -24.61
C ARG B 19 10.65 -10.24 -23.59
N GLY B 20 9.94 -11.02 -22.80
CA GLY B 20 10.55 -11.87 -21.80
C GLY B 20 11.18 -13.10 -22.40
N PRO B 21 11.55 -14.06 -21.55
CA PRO B 21 12.33 -15.22 -22.02
C PRO B 21 11.53 -16.25 -22.79
N PHE B 22 10.23 -16.07 -22.97
CA PHE B 22 9.41 -17.00 -23.73
C PHE B 22 9.13 -16.40 -25.10
N ALA B 23 9.57 -17.10 -26.14
CA ALA B 23 9.14 -16.77 -27.49
C ALA B 23 7.64 -17.01 -27.60
N VAL B 24 6.96 -16.15 -28.34
CA VAL B 24 5.51 -16.16 -28.37
C VAL B 24 5.03 -16.33 -29.80
N ALA B 25 3.82 -16.88 -29.93
CA ALA B 25 3.09 -16.94 -31.18
C ALA B 25 1.68 -16.40 -30.91
N GLN B 26 0.91 -16.19 -31.98
CA GLN B 26 -0.43 -15.65 -31.81
C GLN B 26 -1.42 -16.34 -32.73
N THR B 27 -2.69 -16.24 -32.34
CA THR B 27 -3.80 -16.74 -33.12
C THR B 27 -4.99 -15.82 -32.89
N THR B 28 -5.81 -15.66 -33.93
CA THR B 28 -6.96 -14.77 -33.89
C THR B 28 -8.24 -15.54 -33.63
N VAL B 29 -9.08 -15.00 -32.74
CA VAL B 29 -10.45 -15.45 -32.57
C VAL B 29 -11.34 -14.40 -33.21
N SER B 30 -11.95 -14.75 -34.34
CA SER B 30 -12.78 -13.80 -35.05
C SER B 30 -14.04 -13.52 -34.26
N ARG B 31 -14.73 -12.45 -34.64
CA ARG B 31 -15.96 -12.05 -33.91
C ARG B 31 -17.01 -13.15 -34.04
N LEU B 32 -17.11 -13.79 -35.20
CA LEU B 32 -18.07 -14.88 -35.34
C LEU B 32 -17.68 -16.10 -34.52
N GLN B 33 -16.39 -16.30 -34.29
CA GLN B 33 -15.93 -17.46 -33.53
C GLN B 33 -15.99 -17.22 -32.03
N ALA B 34 -16.17 -15.97 -31.60
CA ALA B 34 -16.14 -15.63 -30.19
C ALA B 34 -17.55 -15.77 -29.59
N ASP B 35 -17.66 -16.54 -28.51
CA ASP B 35 -18.91 -16.67 -27.79
C ASP B 35 -18.87 -15.78 -26.56
N GLY B 36 -19.69 -14.73 -26.55
CA GLY B 36 -19.79 -13.88 -25.38
C GLY B 36 -18.82 -12.71 -25.34
N PHE B 37 -18.09 -12.47 -26.42
CA PHE B 37 -17.20 -11.31 -26.53
C PHE B 37 -16.99 -11.03 -28.01
N GLY B 38 -16.25 -9.96 -28.31
CA GLY B 38 -16.16 -9.47 -29.67
C GLY B 38 -15.01 -10.00 -30.50
N GLY B 39 -14.38 -11.09 -30.08
CA GLY B 39 -13.17 -11.56 -30.72
C GLY B 39 -11.94 -10.98 -30.07
N GLY B 40 -10.79 -11.45 -30.53
CA GLY B 40 -9.54 -10.94 -29.98
C GLY B 40 -8.35 -11.73 -30.51
N THR B 41 -7.19 -11.43 -29.93
CA THR B 41 -5.94 -12.08 -30.30
C THR B 41 -5.37 -12.78 -29.09
N ILE B 42 -4.94 -14.03 -29.27
CA ILE B 42 -4.38 -14.84 -28.19
C ILE B 42 -2.88 -14.96 -28.43
N TYR B 43 -2.10 -14.57 -27.44
CA TYR B 43 -0.65 -14.71 -27.48
C TYR B 43 -0.27 -15.82 -26.51
N TYR B 44 0.67 -16.68 -26.92
CA TYR B 44 1.03 -17.83 -26.11
C TYR B 44 2.51 -18.16 -26.23
N PRO B 45 3.10 -18.72 -25.17
CA PRO B 45 4.50 -19.19 -25.27
C PRO B 45 4.57 -20.40 -26.20
N THR B 46 5.54 -20.37 -27.12
CA THR B 46 5.70 -21.49 -28.03
C THR B 46 6.34 -22.70 -27.35
N ASP B 47 7.12 -22.47 -26.29
CA ASP B 47 7.73 -23.56 -25.53
C ASP B 47 6.70 -24.31 -24.72
N THR B 48 6.51 -25.59 -25.05
CA THR B 48 5.57 -26.45 -24.35
C THR B 48 6.24 -27.32 -23.29
N SER B 49 7.57 -27.26 -23.18
CA SER B 49 8.28 -28.22 -22.36
C SER B 49 8.21 -27.90 -20.87
N GLN B 50 7.68 -26.73 -20.49
CA GLN B 50 7.68 -26.30 -19.10
C GLN B 50 6.40 -26.65 -18.36
N GLY B 51 5.37 -27.08 -19.06
CA GLY B 51 4.05 -27.28 -18.49
C GLY B 51 3.05 -26.26 -19.02
N THR B 52 1.86 -26.29 -18.44
CA THR B 52 0.83 -25.35 -18.88
C THR B 52 1.02 -24.01 -18.21
N PHE B 53 0.42 -22.98 -18.81
CA PHE B 53 0.55 -21.62 -18.35
C PHE B 53 -0.79 -21.09 -17.84
N GLY B 54 -0.72 -20.08 -16.99
CA GLY B 54 -1.91 -19.34 -16.62
C GLY B 54 -2.42 -18.49 -17.75
N ALA B 55 -3.68 -18.10 -17.65
CA ALA B 55 -4.38 -17.37 -18.70
C ALA B 55 -4.86 -16.01 -18.21
N VAL B 56 -4.77 -15.02 -19.11
CA VAL B 56 -5.09 -13.63 -18.79
C VAL B 56 -5.97 -13.06 -19.91
N ALA B 57 -7.08 -12.42 -19.55
CA ALA B 57 -7.91 -11.69 -20.48
C ALA B 57 -7.78 -10.20 -20.22
N ILE B 58 -7.76 -9.40 -21.28
CA ILE B 58 -7.56 -7.95 -21.17
C ILE B 58 -8.57 -7.24 -22.05
N SER B 59 -9.34 -6.31 -21.44
CA SER B 59 -10.38 -5.55 -22.11
C SER B 59 -9.98 -4.10 -22.28
N PRO B 60 -10.31 -3.48 -23.41
CA PRO B 60 -10.16 -2.03 -23.57
C PRO B 60 -11.33 -1.32 -22.91
N GLY B 61 -11.33 0.00 -23.04
CA GLY B 61 -12.33 0.85 -22.43
C GLY B 61 -13.40 1.31 -23.41
N PHE B 62 -14.30 2.14 -22.87
CA PHE B 62 -15.39 2.76 -23.62
C PHE B 62 -14.92 3.41 -24.91
N THR B 63 -15.58 3.04 -26.02
CA THR B 63 -15.32 3.49 -27.39
C THR B 63 -13.99 2.99 -27.96
N ALA B 64 -13.27 2.13 -27.25
CA ALA B 64 -11.94 1.74 -27.69
C ALA B 64 -11.93 0.34 -28.30
N GLY B 65 -11.02 0.13 -29.24
CA GLY B 65 -10.83 -1.18 -29.82
C GLY B 65 -9.75 -1.97 -29.11
N GLN B 66 -9.71 -3.27 -29.43
CA GLN B 66 -8.64 -4.14 -28.92
C GLN B 66 -7.27 -3.50 -29.09
N GLU B 67 -7.08 -2.73 -30.15
CA GLU B 67 -5.79 -2.15 -30.46
C GLU B 67 -5.29 -1.22 -29.36
N SER B 68 -6.19 -0.71 -28.52
CA SER B 68 -5.80 0.24 -27.48
C SER B 68 -5.05 -0.41 -26.33
N ILE B 69 -5.02 -1.74 -26.25
CA ILE B 69 -4.33 -2.43 -25.16
C ILE B 69 -3.48 -3.57 -25.68
N ALA B 70 -3.37 -3.67 -27.01
CA ALA B 70 -2.78 -4.87 -27.62
C ALA B 70 -1.31 -5.05 -27.26
N TRP B 71 -0.58 -3.97 -26.99
CA TRP B 71 0.83 -4.11 -26.66
C TRP B 71 1.05 -4.97 -25.43
N LEU B 72 0.06 -5.04 -24.53
CA LEU B 72 0.22 -5.81 -23.30
C LEU B 72 0.20 -7.31 -23.57
N GLY B 73 -0.46 -7.74 -24.63
CA GLY B 73 -0.60 -9.14 -24.93
C GLY B 73 0.70 -9.90 -25.02
N PRO B 74 1.52 -9.58 -26.04
CA PRO B 74 2.78 -10.32 -26.19
C PRO B 74 3.80 -9.98 -25.12
N ARG B 75 3.79 -8.75 -24.60
CA ARG B 75 4.71 -8.41 -23.53
C ARG B 75 4.46 -9.27 -22.30
N ILE B 76 3.18 -9.51 -21.97
CA ILE B 76 2.86 -10.39 -20.85
C ILE B 76 3.05 -11.86 -21.25
N ALA B 77 2.65 -12.22 -22.47
CA ALA B 77 2.76 -13.61 -22.90
C ALA B 77 4.19 -14.09 -22.82
N SER B 78 5.15 -13.23 -23.19
CA SER B 78 6.56 -13.62 -23.23
C SER B 78 7.17 -13.82 -21.85
N GLN B 79 6.41 -13.61 -20.78
CA GLN B 79 6.84 -13.94 -19.44
C GLN B 79 6.27 -15.27 -18.96
N GLY B 80 5.52 -15.96 -19.81
CA GLY B 80 4.99 -17.27 -19.48
C GLY B 80 3.50 -17.28 -19.20
N PHE B 81 2.71 -16.66 -20.07
CA PHE B 81 1.26 -16.61 -19.91
C PHE B 81 0.59 -16.70 -21.28
N VAL B 82 -0.62 -17.24 -21.29
CA VAL B 82 -1.50 -17.18 -22.46
C VAL B 82 -2.45 -16.01 -22.25
N VAL B 83 -2.42 -15.04 -23.17
CA VAL B 83 -3.05 -13.75 -22.96
C VAL B 83 -3.94 -13.46 -24.15
N ILE B 84 -5.23 -13.22 -23.89
CA ILE B 84 -6.17 -12.78 -24.93
C ILE B 84 -6.51 -11.31 -24.69
N THR B 85 -6.21 -10.49 -25.71
CA THR B 85 -6.67 -9.10 -25.77
C THR B 85 -7.95 -9.07 -26.59
N ILE B 86 -9.05 -8.64 -25.97
CA ILE B 86 -10.37 -8.82 -26.55
C ILE B 86 -10.90 -7.52 -27.16
N ASP B 87 -11.76 -7.69 -28.15
CA ASP B 87 -12.72 -6.67 -28.52
C ASP B 87 -14.03 -6.98 -27.77
N THR B 88 -14.75 -5.93 -27.44
CA THR B 88 -16.03 -6.14 -26.79
C THR B 88 -17.12 -6.29 -27.84
N ILE B 89 -18.28 -6.79 -27.42
CA ILE B 89 -19.38 -7.01 -28.36
C ILE B 89 -19.74 -5.70 -29.06
N THR B 90 -19.87 -4.62 -28.31
CA THR B 90 -19.95 -3.28 -28.89
C THR B 90 -18.97 -2.39 -28.14
N ARG B 91 -18.56 -1.32 -28.81
CA ARG B 91 -17.65 -0.39 -28.18
C ARG B 91 -18.30 0.45 -27.08
N LEU B 92 -19.62 0.37 -26.93
CA LEU B 92 -20.32 1.15 -25.92
C LEU B 92 -20.71 0.33 -24.70
N ASP B 93 -20.30 -0.95 -24.65
CA ASP B 93 -20.64 -1.79 -23.51
C ASP B 93 -20.15 -1.17 -22.22
N GLN B 94 -20.94 -1.31 -21.16
CA GLN B 94 -20.65 -0.72 -19.87
C GLN B 94 -19.72 -1.63 -19.07
N PRO B 95 -19.24 -1.20 -17.89
CA PRO B 95 -18.19 -1.99 -17.22
C PRO B 95 -18.62 -3.38 -16.83
N ASP B 96 -19.84 -3.55 -16.28
CA ASP B 96 -20.25 -4.87 -15.84
C ASP B 96 -20.30 -5.85 -17.01
N SER B 97 -20.84 -5.41 -18.14
CA SER B 97 -20.83 -6.23 -19.36
C SER B 97 -19.40 -6.61 -19.76
N ARG B 98 -18.49 -5.65 -19.69
CA ARG B 98 -17.10 -5.93 -20.03
C ARG B 98 -16.54 -7.01 -19.12
N GLY B 99 -16.97 -7.03 -17.86
CA GLY B 99 -16.55 -8.10 -16.95
C GLY B 99 -17.07 -9.46 -17.36
N ARG B 100 -18.35 -9.55 -17.75
CA ARG B 100 -18.88 -10.80 -18.26
C ARG B 100 -18.12 -11.23 -19.50
N GLN B 101 -17.73 -10.28 -20.34
CA GLN B 101 -17.06 -10.64 -21.58
C GLN B 101 -15.61 -11.06 -21.34
N LEU B 102 -14.95 -10.49 -20.33
CA LEU B 102 -13.64 -10.98 -19.94
C LEU B 102 -13.72 -12.43 -19.50
N GLN B 103 -14.71 -12.76 -18.69
CA GLN B 103 -14.89 -14.14 -18.23
C GLN B 103 -15.18 -15.07 -19.41
N ALA B 104 -15.97 -14.60 -20.38
CA ALA B 104 -16.29 -15.40 -21.55
C ALA B 104 -15.04 -15.71 -22.36
N ALA B 105 -14.16 -14.73 -22.55
CA ALA B 105 -12.93 -14.95 -23.30
C ALA B 105 -12.02 -15.94 -22.60
N LEU B 106 -11.91 -15.83 -21.28
CA LEU B 106 -11.16 -16.82 -20.51
C LEU B 106 -11.76 -18.21 -20.70
N ASP B 107 -13.07 -18.33 -20.54
CA ASP B 107 -13.74 -19.62 -20.70
C ASP B 107 -13.56 -20.17 -22.12
N HIS B 108 -13.65 -19.29 -23.12
CA HIS B 108 -13.45 -19.72 -24.51
C HIS B 108 -12.06 -20.29 -24.74
N LEU B 109 -11.08 -19.94 -23.89
CA LEU B 109 -9.73 -20.45 -24.06
C LEU B 109 -9.70 -21.96 -23.91
N ARG B 110 -10.56 -22.50 -23.04
CA ARG B 110 -10.69 -23.93 -22.79
C ARG B 110 -11.23 -24.69 -24.00
N THR B 111 -11.71 -23.97 -25.02
CA THR B 111 -12.23 -24.57 -26.24
C THR B 111 -11.38 -24.31 -27.47
N ASN B 112 -10.45 -23.34 -27.40
CA ASN B 112 -9.67 -22.94 -28.56
C ASN B 112 -8.65 -23.99 -28.92
N SER B 113 -8.69 -24.43 -30.19
CA SER B 113 -7.87 -25.57 -30.61
C SER B 113 -6.38 -25.27 -30.51
N VAL B 114 -6.00 -24.00 -30.58
CA VAL B 114 -4.57 -23.67 -30.57
C VAL B 114 -4.01 -23.68 -29.15
N VAL B 115 -4.76 -23.19 -28.17
CA VAL B 115 -4.22 -22.97 -26.83
C VAL B 115 -4.86 -23.85 -25.76
N ARG B 116 -5.92 -24.61 -26.08
CA ARG B 116 -6.63 -25.37 -25.06
C ARG B 116 -5.71 -26.28 -24.27
N ASN B 117 -4.67 -26.82 -24.90
CA ASN B 117 -3.74 -27.72 -24.24
C ASN B 117 -2.54 -27.00 -23.63
N ARG B 118 -2.49 -25.67 -23.70
CA ARG B 118 -1.35 -24.93 -23.15
C ARG B 118 -1.69 -24.19 -21.87
N ILE B 119 -2.94 -24.24 -21.43
CA ILE B 119 -3.42 -23.39 -20.34
C ILE B 119 -3.78 -24.26 -19.15
N ASP B 120 -3.62 -23.71 -17.95
CA ASP B 120 -4.19 -24.31 -16.76
C ASP B 120 -5.51 -23.59 -16.50
N PRO B 121 -6.66 -24.23 -16.74
CA PRO B 121 -7.93 -23.51 -16.62
C PRO B 121 -8.25 -23.07 -15.20
N ASN B 122 -7.54 -23.56 -14.19
CA ASN B 122 -7.79 -23.13 -12.82
C ASN B 122 -6.93 -21.94 -12.39
N ARG B 123 -6.07 -21.40 -13.28
CA ARG B 123 -5.17 -20.30 -12.93
C ARG B 123 -5.35 -19.17 -13.95
N MET B 124 -6.28 -18.26 -13.67
CA MET B 124 -6.69 -17.27 -14.65
C MET B 124 -6.83 -15.91 -13.99
N ALA B 125 -6.80 -14.87 -14.83
CA ALA B 125 -6.73 -13.49 -14.36
C ALA B 125 -7.37 -12.58 -15.39
N VAL B 126 -7.75 -11.38 -14.93
CA VAL B 126 -8.43 -10.40 -15.77
C VAL B 126 -7.73 -9.05 -15.59
N MET B 127 -7.62 -8.30 -16.69
CA MET B 127 -7.11 -6.94 -16.64
C MET B 127 -7.89 -6.10 -17.61
N GLY B 128 -7.77 -4.78 -17.48
CA GLY B 128 -8.51 -3.91 -18.36
C GLY B 128 -8.22 -2.44 -18.14
N HIS B 129 -8.40 -1.63 -19.17
CA HIS B 129 -8.21 -0.18 -19.10
C HIS B 129 -9.54 0.52 -18.91
N SER B 130 -9.61 1.44 -17.94
CA SER B 130 -10.78 2.32 -17.76
C SER B 130 -12.02 1.45 -17.52
N MET B 131 -13.07 1.59 -18.34
CA MET B 131 -14.24 0.74 -18.14
C MET B 131 -13.88 -0.74 -18.21
N GLY B 132 -12.88 -1.09 -19.01
CA GLY B 132 -12.37 -2.45 -18.99
C GLY B 132 -11.77 -2.82 -17.65
N GLY B 133 -11.15 -1.84 -16.98
CA GLY B 133 -10.64 -2.08 -15.64
C GLY B 133 -11.76 -2.22 -14.63
N GLY B 134 -12.82 -1.43 -14.78
CA GLY B 134 -14.02 -1.68 -14.00
C GLY B 134 -14.59 -3.04 -14.32
N GLY B 135 -14.50 -3.45 -15.57
CA GLY B 135 -14.91 -4.81 -15.93
C GLY B 135 -14.07 -5.85 -15.23
N ALA B 136 -12.75 -5.62 -15.13
CA ALA B 136 -11.89 -6.55 -14.41
C ALA B 136 -12.35 -6.71 -12.96
N LEU B 137 -12.64 -5.60 -12.28
CA LEU B 137 -13.12 -5.66 -10.90
C LEU B 137 -14.45 -6.41 -10.82
N SER B 138 -15.37 -6.12 -11.73
CA SER B 138 -16.65 -6.83 -11.73
C SER B 138 -16.45 -8.31 -11.94
N ALA B 139 -15.60 -8.68 -12.91
CA ALA B 139 -15.32 -10.10 -13.13
C ALA B 139 -14.71 -10.75 -11.90
N ALA B 140 -13.89 -10.02 -11.16
CA ALA B 140 -13.27 -10.57 -9.93
C ALA B 140 -14.33 -10.86 -8.86
N ALA B 141 -15.17 -9.87 -8.60
CA ALA B 141 -16.23 -10.01 -7.58
C ALA B 141 -17.17 -11.16 -7.96
N ASN B 142 -17.40 -11.36 -9.25
CA ASN B 142 -18.35 -12.39 -9.73
C ASN B 142 -17.67 -13.75 -9.93
N ASN B 143 -16.44 -13.93 -9.45
CA ASN B 143 -15.68 -15.19 -9.64
C ASN B 143 -14.53 -15.26 -8.62
N THR B 144 -14.81 -15.86 -7.47
CA THR B 144 -13.82 -15.94 -6.37
C THR B 144 -12.68 -16.92 -6.71
N SER B 145 -12.76 -17.60 -7.84
CA SER B 145 -11.69 -18.55 -8.24
C SER B 145 -10.63 -17.80 -9.07
N LEU B 146 -10.97 -16.60 -9.54
CA LEU B 146 -10.01 -15.83 -10.35
C LEU B 146 -8.75 -15.60 -9.52
N GLU B 147 -7.59 -15.67 -10.15
CA GLU B 147 -6.34 -15.64 -9.41
C GLU B 147 -5.77 -14.25 -9.26
N ALA B 148 -6.08 -13.34 -10.18
CA ALA B 148 -5.57 -11.97 -10.13
C ALA B 148 -6.49 -11.05 -10.93
N ALA B 149 -6.53 -9.79 -10.53
CA ALA B 149 -7.21 -8.76 -11.32
C ALA B 149 -6.35 -7.51 -11.33
N ILE B 150 -6.24 -6.88 -12.49
CA ILE B 150 -5.47 -5.64 -12.59
C ILE B 150 -6.25 -4.59 -13.36
N PRO B 151 -6.99 -3.72 -12.68
CA PRO B 151 -7.60 -2.56 -13.36
C PRO B 151 -6.56 -1.48 -13.63
N LEU B 152 -6.48 -1.04 -14.88
CA LEU B 152 -5.57 0.02 -15.31
C LEU B 152 -6.39 1.28 -15.51
N GLN B 153 -6.16 2.29 -14.68
CA GLN B 153 -6.94 3.53 -14.71
C GLN B 153 -8.43 3.21 -14.76
N GLY B 154 -8.86 2.36 -13.83
CA GLY B 154 -10.21 1.84 -13.90
C GLY B 154 -11.26 2.93 -13.73
N TRP B 155 -12.38 2.75 -14.43
CA TRP B 155 -13.55 3.61 -14.33
C TRP B 155 -14.75 2.76 -14.00
N HIS B 156 -15.52 3.17 -12.99
CA HIS B 156 -16.74 2.47 -12.60
C HIS B 156 -17.60 3.40 -11.77
N THR B 157 -18.92 3.33 -11.98
CA THR B 157 -19.84 3.99 -11.07
C THR B 157 -19.81 3.34 -9.69
N ARG B 158 -19.59 2.03 -9.63
CA ARG B 158 -19.53 1.34 -8.34
C ARG B 158 -18.17 1.59 -7.70
N LYS B 159 -18.18 2.00 -6.43
CA LYS B 159 -16.93 2.26 -5.72
C LYS B 159 -16.66 1.26 -4.59
N ASN B 160 -17.65 0.45 -4.21
CA ASN B 160 -17.51 -0.51 -3.12
C ASN B 160 -17.23 -1.89 -3.71
N TRP B 161 -16.02 -2.38 -3.49
CA TRP B 161 -15.58 -3.69 -3.94
C TRP B 161 -15.21 -4.58 -2.76
N SER B 162 -15.97 -4.45 -1.67
CA SER B 162 -15.73 -5.23 -0.47
C SER B 162 -15.95 -6.73 -0.69
N SER B 163 -16.63 -7.14 -1.77
CA SER B 163 -16.86 -8.56 -2.02
C SER B 163 -15.75 -9.20 -2.84
N VAL B 164 -14.72 -8.46 -3.24
CA VAL B 164 -13.65 -9.05 -4.04
C VAL B 164 -12.77 -9.90 -3.14
N ARG B 165 -12.39 -11.08 -3.64
CA ARG B 165 -11.48 -11.98 -2.96
C ARG B 165 -10.29 -12.34 -3.85
N THR B 166 -10.13 -11.65 -4.97
CA THR B 166 -9.07 -11.92 -5.91
C THR B 166 -7.94 -10.91 -5.71
N PRO B 167 -6.67 -11.34 -5.50
CA PRO B 167 -5.56 -10.37 -5.36
C PRO B 167 -5.54 -9.31 -6.45
N THR B 168 -5.75 -8.05 -6.08
CA THR B 168 -5.99 -6.98 -7.03
C THR B 168 -4.88 -5.95 -6.97
N LEU B 169 -4.33 -5.61 -8.13
CA LEU B 169 -3.40 -4.50 -8.28
C LEU B 169 -4.13 -3.39 -9.03
N VAL B 170 -4.34 -2.26 -8.36
CA VAL B 170 -5.00 -1.10 -8.94
C VAL B 170 -3.91 -0.17 -9.44
N VAL B 171 -3.91 0.13 -10.74
CA VAL B 171 -2.90 1.02 -11.32
C VAL B 171 -3.59 2.33 -11.68
N GLY B 172 -3.24 3.40 -10.96
CA GLY B 172 -3.79 4.71 -11.21
C GLY B 172 -2.82 5.60 -11.97
N ALA B 173 -3.37 6.61 -12.65
CA ALA B 173 -2.59 7.62 -13.34
C ALA B 173 -2.75 8.93 -12.58
N GLN B 174 -1.63 9.48 -12.11
CA GLN B 174 -1.71 10.59 -11.15
C GLN B 174 -2.55 11.75 -11.68
N LEU B 175 -2.33 12.15 -12.93
CA LEU B 175 -2.99 13.31 -13.51
C LEU B 175 -4.26 12.98 -14.29
N ASP B 176 -4.77 11.74 -14.15
CA ASP B 176 -6.00 11.32 -14.83
C ASP B 176 -7.17 12.25 -14.54
N THR B 177 -7.77 12.82 -15.60
CA THR B 177 -9.00 13.61 -15.45
C THR B 177 -10.25 12.85 -15.86
N ILE B 178 -10.11 11.72 -16.53
CA ILE B 178 -11.25 10.92 -16.99
C ILE B 178 -11.73 9.98 -15.91
N ALA B 179 -10.80 9.21 -15.33
CA ALA B 179 -11.08 8.38 -14.16
C ALA B 179 -10.17 8.85 -13.03
N PRO B 180 -10.42 10.03 -12.46
CA PRO B 180 -9.52 10.57 -11.43
C PRO B 180 -9.28 9.55 -10.33
N VAL B 181 -8.02 9.47 -9.88
CA VAL B 181 -7.69 8.41 -8.93
C VAL B 181 -8.47 8.58 -7.63
N SER B 182 -8.77 9.82 -7.25
CA SER B 182 -9.43 10.07 -5.96
C SER B 182 -10.83 9.45 -5.94
N SER B 183 -11.57 9.57 -7.04
CA SER B 183 -12.93 9.06 -7.07
C SER B 183 -13.04 7.70 -7.74
N HIS B 184 -11.95 7.19 -8.33
CA HIS B 184 -11.99 5.87 -8.95
C HIS B 184 -10.96 4.93 -8.35
N SER B 185 -9.74 4.89 -8.91
CA SER B 185 -8.73 3.90 -8.51
C SER B 185 -8.55 3.80 -6.99
N GLU B 186 -8.27 4.94 -6.33
CA GLU B 186 -8.04 4.86 -4.89
C GLU B 186 -9.32 4.53 -4.13
N ALA B 187 -10.46 5.00 -4.63
CA ALA B 187 -11.73 4.58 -4.03
C ALA B 187 -11.91 3.07 -4.13
N PHE B 188 -11.55 2.48 -5.28
CA PHE B 188 -11.61 1.02 -5.40
C PHE B 188 -10.67 0.36 -4.41
N TYR B 189 -9.41 0.82 -4.36
CA TYR B 189 -8.44 0.21 -3.45
C TYR B 189 -8.92 0.27 -2.01
N ASN B 190 -9.41 1.45 -1.58
CA ASN B 190 -9.82 1.60 -0.19
C ASN B 190 -10.98 0.69 0.17
N SER B 191 -11.84 0.36 -0.80
CA SER B 191 -13.01 -0.46 -0.53
C SER B 191 -12.76 -1.94 -0.65
N LEU B 192 -11.72 -2.35 -1.37
CA LEU B 192 -11.29 -3.75 -1.32
C LEU B 192 -11.03 -4.14 0.13
N PRO B 193 -11.33 -5.38 0.53
CA PRO B 193 -11.11 -5.78 1.92
C PRO B 193 -9.68 -5.50 2.35
N SER B 194 -9.51 -4.99 3.58
CA SER B 194 -8.15 -4.77 4.06
C SER B 194 -7.41 -6.08 4.30
N ASP B 195 -8.12 -7.21 4.35
CA ASP B 195 -7.51 -8.54 4.43
C ASP B 195 -7.12 -9.08 3.07
N LEU B 196 -7.47 -8.40 2.00
CA LEU B 196 -7.17 -8.85 0.64
C LEU B 196 -5.70 -8.53 0.31
N ASP B 197 -5.00 -9.50 -0.27
CA ASP B 197 -3.72 -9.20 -0.89
C ASP B 197 -3.98 -8.23 -2.04
N LYS B 198 -3.51 -7.01 -1.91
CA LYS B 198 -3.83 -5.97 -2.87
C LYS B 198 -2.70 -4.96 -2.89
N ALA B 199 -2.66 -4.17 -3.96
CA ALA B 199 -1.70 -3.07 -4.06
C ALA B 199 -2.31 -1.97 -4.91
N TYR B 200 -1.91 -0.74 -4.62
CA TYR B 200 -2.24 0.41 -5.43
C TYR B 200 -0.94 1.03 -5.93
N MET B 201 -0.81 1.18 -7.25
CA MET B 201 0.35 1.80 -7.86
C MET B 201 -0.11 2.98 -8.68
N GLU B 202 0.42 4.16 -8.35
CA GLU B 202 0.06 5.38 -9.05
C GLU B 202 1.23 5.81 -9.93
N LEU B 203 0.94 6.13 -11.18
CA LEU B 203 1.96 6.47 -12.16
C LEU B 203 2.15 7.97 -12.18
N ARG B 204 3.36 8.42 -11.83
CA ARG B 204 3.66 9.85 -11.68
C ARG B 204 3.41 10.63 -12.97
N GLY B 205 2.70 11.74 -12.84
CA GLY B 205 2.49 12.64 -13.96
C GLY B 205 1.82 12.03 -15.18
N ALA B 206 1.18 10.86 -15.04
CA ALA B 206 0.62 10.16 -16.20
C ALA B 206 -0.83 10.57 -16.43
N SER B 207 -1.21 10.58 -17.71
CA SER B 207 -2.58 10.83 -18.13
C SER B 207 -3.37 9.53 -18.12
N HIS B 208 -4.69 9.69 -18.34
CA HIS B 208 -5.59 8.55 -18.38
C HIS B 208 -5.17 7.51 -19.42
N PHE B 209 -4.39 7.92 -20.41
CA PHE B 209 -4.10 7.10 -21.59
C PHE B 209 -2.72 6.47 -21.55
N VAL B 210 -2.06 6.47 -20.39
CA VAL B 210 -0.73 5.90 -20.26
C VAL B 210 -0.71 4.41 -20.62
N SER B 211 -1.84 3.71 -20.44
CA SER B 211 -1.90 2.28 -20.76
C SER B 211 -2.11 2.01 -22.23
N ASN B 212 -2.49 3.01 -23.01
CA ASN B 212 -2.83 2.81 -24.42
C ASN B 212 -1.60 2.79 -25.32
N THR B 213 -0.42 2.95 -24.74
CA THR B 213 0.83 2.98 -25.46
C THR B 213 1.87 2.42 -24.50
N PRO B 214 2.93 1.78 -25.01
CA PRO B 214 3.83 1.02 -24.13
C PRO B 214 4.34 1.83 -22.94
N ASP B 215 4.30 1.21 -21.76
CA ASP B 215 4.73 1.84 -20.52
C ASP B 215 5.39 0.77 -19.66
N THR B 216 6.71 0.90 -19.47
CA THR B 216 7.47 -0.13 -18.78
C THR B 216 7.04 -0.31 -17.33
N THR B 217 6.63 0.77 -16.64
CA THR B 217 6.22 0.60 -15.24
C THR B 217 4.96 -0.23 -15.13
N THR B 218 3.94 0.07 -15.95
CA THR B 218 2.74 -0.74 -15.97
C THR B 218 3.09 -2.18 -16.27
N ALA B 219 3.89 -2.40 -17.31
CA ALA B 219 4.24 -3.76 -17.73
C ALA B 219 4.95 -4.51 -16.61
N LYS B 220 6.01 -3.92 -16.03
CA LYS B 220 6.85 -4.67 -15.11
C LYS B 220 6.09 -5.10 -13.87
N TYR B 221 5.24 -4.23 -13.31
CA TYR B 221 4.54 -4.62 -12.09
C TYR B 221 3.25 -5.38 -12.37
N SER B 222 2.67 -5.25 -13.57
CA SER B 222 1.64 -6.21 -13.95
C SER B 222 2.23 -7.60 -14.08
N ILE B 223 3.38 -7.71 -14.74
CA ILE B 223 4.07 -9.00 -14.86
C ILE B 223 4.35 -9.59 -13.47
N ALA B 224 4.92 -8.77 -12.58
CA ALA B 224 5.26 -9.26 -11.24
C ALA B 224 4.00 -9.64 -10.46
N TRP B 225 2.91 -8.90 -10.63
CA TRP B 225 1.67 -9.27 -9.94
C TRP B 225 1.14 -10.59 -10.47
N LEU B 226 1.12 -10.75 -11.79
CA LEU B 226 0.58 -11.97 -12.38
C LEU B 226 1.43 -13.17 -11.99
N LYS B 227 2.75 -12.98 -11.95
CA LYS B 227 3.64 -14.06 -11.53
C LYS B 227 3.37 -14.46 -10.09
N ARG B 228 3.23 -13.48 -9.19
CA ARG B 228 3.05 -13.77 -7.78
C ARG B 228 1.75 -14.50 -7.50
N PHE B 229 0.70 -14.22 -8.26
CA PHE B 229 -0.64 -14.70 -7.91
C PHE B 229 -1.25 -15.68 -8.90
N VAL B 230 -0.98 -15.55 -10.20
CA VAL B 230 -1.42 -16.61 -11.12
C VAL B 230 -0.57 -17.85 -10.93
N ASP B 231 0.75 -17.67 -10.73
CA ASP B 231 1.68 -18.77 -10.59
C ASP B 231 2.09 -19.04 -9.15
N ASN B 232 1.65 -18.22 -8.19
CA ASN B 232 2.10 -18.33 -6.80
C ASN B 232 3.63 -18.29 -6.71
N ASP B 233 4.26 -17.51 -7.61
CA ASP B 233 5.71 -17.45 -7.76
C ASP B 233 6.30 -16.48 -6.74
N LEU B 234 6.79 -17.03 -5.63
CA LEU B 234 7.40 -16.23 -4.57
C LEU B 234 8.66 -15.50 -5.01
N ARG B 235 9.28 -15.89 -6.14
CA ARG B 235 10.46 -15.19 -6.64
C ARG B 235 10.15 -13.73 -7.00
N TYR B 236 8.89 -13.41 -7.26
CA TYR B 236 8.49 -12.09 -7.71
C TYR B 236 7.94 -11.22 -6.60
N GLU B 237 7.78 -11.79 -5.39
CA GLU B 237 7.41 -10.98 -4.24
C GLU B 237 8.39 -9.85 -3.98
N GLN B 238 9.67 -10.04 -4.33
CA GLN B 238 10.67 -9.01 -4.08
C GLN B 238 10.37 -7.70 -4.80
N PHE B 239 9.60 -7.75 -5.90
CA PHE B 239 9.27 -6.53 -6.63
C PHE B 239 8.03 -5.84 -6.08
N LEU B 240 7.24 -6.53 -5.27
CA LEU B 240 5.96 -6.04 -4.80
C LEU B 240 6.01 -5.52 -3.37
N CYS B 241 6.97 -6.00 -2.57
CA CYS B 241 7.08 -5.70 -1.14
C CYS B 241 8.54 -5.57 -0.73
N PRO B 242 8.93 -4.41 -0.16
CA PRO B 242 8.06 -3.26 0.11
C PRO B 242 7.85 -2.40 -1.15
N ALA B 243 7.51 -1.13 -0.95
CA ALA B 243 7.17 -0.26 -2.08
C ALA B 243 8.34 -0.17 -3.04
N PRO B 244 8.12 -0.32 -4.35
CA PRO B 244 9.20 -0.08 -5.30
C PRO B 244 9.66 1.36 -5.24
N ASP B 245 10.86 1.59 -5.74
CA ASP B 245 11.48 2.91 -5.68
C ASP B 245 11.46 3.66 -7.01
N ASP B 246 10.80 3.11 -8.04
CA ASP B 246 10.77 3.75 -9.35
C ASP B 246 10.32 5.20 -9.23
N PHE B 247 11.01 6.09 -9.94
CA PHE B 247 10.59 7.48 -9.96
C PHE B 247 9.29 7.66 -10.76
N ALA B 248 9.01 6.74 -11.68
CA ALA B 248 7.74 6.76 -12.41
C ALA B 248 6.54 6.47 -11.53
N ILE B 249 6.75 6.00 -10.31
CA ILE B 249 5.68 5.72 -9.36
C ILE B 249 5.53 6.90 -8.40
N SER B 250 4.37 7.57 -8.46
CA SER B 250 4.17 8.68 -7.52
C SER B 250 3.72 8.17 -6.16
N GLU B 251 3.03 7.02 -6.11
CA GLU B 251 2.58 6.52 -4.83
C GLU B 251 2.36 5.02 -4.94
N TYR B 252 2.61 4.30 -3.84
CA TYR B 252 2.45 2.85 -3.85
C TYR B 252 2.02 2.40 -2.46
N ARG B 253 1.04 1.51 -2.42
CA ARG B 253 0.55 0.89 -1.20
C ARG B 253 0.27 -0.57 -1.49
N ALA B 254 0.52 -1.43 -0.51
CA ALA B 254 0.28 -2.85 -0.67
C ALA B 254 0.13 -3.49 0.71
N THR B 255 -0.65 -4.57 0.76
CA THR B 255 -0.88 -5.28 2.02
C THR B 255 0.20 -6.33 2.25
N CYS B 256 1.45 -5.88 2.22
CA CYS B 256 2.59 -6.75 2.39
C CYS B 256 2.76 -7.18 3.85
N PRO B 257 3.31 -8.38 4.09
CA PRO B 257 3.74 -9.35 3.08
C PRO B 257 2.55 -10.19 2.61
N PHE B 258 2.64 -10.75 1.40
CA PHE B 258 1.51 -11.47 0.82
C PHE B 258 1.46 -12.92 1.27
C12 C8X C . -18.00 13.50 -28.16
C6 C8X C . -16.94 10.39 -24.37
C11 C8X C . -17.90 12.00 -28.18
C5 C8X C . -16.49 9.93 -23.14
C2 C8X C . -15.53 7.58 -19.66
C1 C8X C . -16.80 7.34 -18.90
C4 C8X C . -15.48 8.98 -23.08
C10 C8X C . -16.84 10.35 -26.90
C9 C8X C . -14.95 8.48 -24.25
C3 C8X C . -14.96 8.44 -21.79
C8 C8X C . -15.41 8.93 -25.47
C7 C8X C . -16.41 9.89 -25.55
O1 C8X C . -17.69 8.44 -19.00
O2 C8X C . -15.90 8.31 -20.86
O3 C8X C . -13.83 8.07 -21.62
O4 C8X C . -16.66 9.71 -27.90
O5 C8X C . -17.43 11.54 -26.89
O6 C8X C . -18.86 13.96 -27.13
#